data_5QPW
#
_entry.id   5QPW
#
_cell.length_a   57.824
_cell.length_b   57.824
_cell.length_c   395.410
_cell.angle_alpha   90.000
_cell.angle_beta   90.000
_cell.angle_gamma   120.000
#
_symmetry.space_group_name_H-M   'P 61 2 2'
#
loop_
_entity.id
_entity.type
_entity.pdbx_description
1 polymer 'Farnesyl diphosphate synthase'
2 non-polymer 'SULFATE ION'
3 non-polymer 'ACETATE ION'
4 non-polymer 'ZINC ION'
5 non-polymer 1-methyl-5-(phenylamino)-1,2-dihydro-3H-pyrazol-3-one
6 water water
#
_entity_poly.entity_id   1
_entity_poly.type   'polypeptide(L)'
_entity_poly.pdbx_seq_one_letter_code
;GPMASMERFLSVYDEVQAFLLDQLQSKYEIDPNRARYLRIMMDTTCLGGKYFRGMTVVNVAEGFLAVTQHDEATKERILH
DACVGGWMIEFLQAHYLVEDDIMDGSVMRRGKPCWYRFPGVTTQCAINDGIILKSWTQIMAWHYFADRPFLKDLLCLFQK
VDYATAVGQMYDVTSMCDSNKLDPEVAQPMTTDFAEFTPAIYKRIVKYKTTFYTYLLPLVMGLLVSEAAASVEMNLVERV
AHLIGEYFQVQDDVMDCFTPPEQLGKVGTDIEDAKCSWLAVTFLGKANAAQVAEFKANYGEKDPAKVAVVKRLYSKANLQ
ADFAAYEAEVVREVESLIEQLKVKSPTFAESVAVVWEKTHKRKK
;
_entity_poly.pdbx_strand_id   A
#
# COMPACT_ATOMS: atom_id res chain seq x y z
N MET A 3 -5.83 -27.61 3.23
CA MET A 3 -6.71 -26.39 3.10
C MET A 3 -6.07 -25.28 2.21
N ALA A 4 -6.80 -24.85 1.18
CA ALA A 4 -6.30 -23.76 0.26
C ALA A 4 -6.15 -22.42 1.01
N SER A 5 -5.23 -21.63 0.51
CA SER A 5 -4.71 -20.50 1.22
C SER A 5 -5.69 -19.39 1.46
N MET A 6 -6.46 -19.10 0.43
CA MET A 6 -7.48 -18.07 0.48
C MET A 6 -8.58 -18.45 1.48
N GLU A 7 -9.06 -19.70 1.49
CA GLU A 7 -10.10 -20.09 2.42
C GLU A 7 -9.59 -20.03 3.85
N ARG A 8 -8.34 -20.45 4.07
CA ARG A 8 -7.77 -20.33 5.38
C ARG A 8 -7.75 -18.85 5.78
N PHE A 9 -7.26 -18.03 4.85
CA PHE A 9 -7.11 -16.57 5.14
C PHE A 9 -8.46 -15.97 5.52
N LEU A 10 -9.46 -16.23 4.67
CA LEU A 10 -10.80 -15.72 4.96
C LEU A 10 -11.48 -16.26 6.18
N SER A 11 -11.23 -17.55 6.57
CA SER A 11 -11.72 -18.03 7.84
C SER A 11 -11.15 -17.36 8.99
N VAL A 12 -9.85 -17.05 8.91
CA VAL A 12 -9.20 -16.36 9.98
C VAL A 12 -9.80 -14.96 10.15
N TYR A 13 -10.17 -14.31 9.02
CA TYR A 13 -10.87 -13.03 9.14
C TYR A 13 -12.11 -13.18 10.07
N ASP A 14 -12.92 -14.20 9.84
CA ASP A 14 -14.09 -14.38 10.67
C ASP A 14 -13.73 -14.61 12.13
N GLU A 15 -12.64 -15.35 12.37
CA GLU A 15 -12.21 -15.64 13.68
C GLU A 15 -11.76 -14.35 14.44
N VAL A 16 -11.01 -13.56 13.71
CA VAL A 16 -10.39 -12.37 14.26
C VAL A 16 -11.49 -11.35 14.52
N GLN A 17 -12.43 -11.23 13.58
CA GLN A 17 -13.57 -10.31 13.77
C GLN A 17 -14.33 -10.68 15.05
N ALA A 18 -14.64 -11.96 15.17
CA ALA A 18 -15.41 -12.45 16.31
C ALA A 18 -14.69 -12.22 17.62
N PHE A 19 -13.38 -12.49 17.66
CA PHE A 19 -12.55 -12.17 18.78
C PHE A 19 -12.60 -10.64 19.18
N LEU A 20 -12.43 -9.78 18.19
CA LEU A 20 -12.40 -8.36 18.47
C LEU A 20 -13.77 -7.89 19.02
N LEU A 21 -14.85 -8.31 18.36
CA LEU A 21 -16.20 -7.88 18.81
C LEU A 21 -16.60 -8.50 20.16
N ASP A 22 -16.25 -9.78 20.38
CA ASP A 22 -16.46 -10.37 21.69
C ASP A 22 -15.69 -9.68 22.80
N GLN A 23 -14.45 -9.28 22.55
CA GLN A 23 -13.67 -8.62 23.52
C GLN A 23 -14.27 -7.20 23.77
N LEU A 24 -14.83 -6.56 22.73
CA LEU A 24 -15.46 -5.26 22.99
C LEU A 24 -16.66 -5.41 23.91
N GLN A 25 -17.44 -6.48 23.74
CA GLN A 25 -18.57 -6.74 24.70
C GLN A 25 -18.09 -7.12 26.10
N SER A 26 -17.06 -7.95 26.25
CA SER A 26 -16.73 -8.42 27.56
C SER A 26 -15.85 -7.52 28.31
N LYS A 27 -15.10 -6.63 27.65
CA LYS A 27 -14.13 -5.83 28.36
C LYS A 27 -14.31 -4.34 28.20
N TYR A 28 -15.07 -3.92 27.19
CA TYR A 28 -15.17 -2.49 26.83
C TYR A 28 -16.57 -1.97 26.88
N GLU A 29 -17.46 -2.80 27.43
CA GLU A 29 -18.82 -2.45 27.79
C GLU A 29 -19.64 -2.06 26.52
N ILE A 30 -19.29 -2.62 25.37
CA ILE A 30 -20.01 -2.21 24.18
C ILE A 30 -21.41 -2.80 24.14
N ASP A 31 -22.32 -2.10 23.49
CA ASP A 31 -23.67 -2.54 23.24
C ASP A 31 -23.79 -3.12 21.87
N PRO A 32 -24.87 -3.90 21.61
CA PRO A 32 -24.97 -4.62 20.37
C PRO A 32 -25.08 -3.76 19.12
N ASN A 33 -25.67 -2.60 19.20
CA ASN A 33 -25.78 -1.77 18.04
C ASN A 33 -24.42 -1.14 17.58
N ARG A 34 -23.66 -0.70 18.55
CA ARG A 34 -22.30 -0.19 18.25
C ARG A 34 -21.37 -1.28 17.80
N ALA A 35 -21.55 -2.47 18.39
CA ALA A 35 -20.82 -3.70 17.88
C ALA A 35 -21.16 -3.97 16.47
N ARG A 36 -22.46 -3.84 16.13
CA ARG A 36 -22.83 -4.01 14.72
C ARG A 36 -22.25 -2.92 13.80
N TYR A 37 -22.33 -1.67 14.25
CA TYR A 37 -21.71 -0.61 13.45
C TYR A 37 -20.22 -0.97 13.11
N LEU A 38 -19.48 -1.40 14.10
CA LEU A 38 -18.01 -1.70 13.97
C LEU A 38 -17.79 -2.90 13.15
N ARG A 39 -18.66 -3.88 13.25
CA ARG A 39 -18.63 -5.00 12.36
C ARG A 39 -18.82 -4.67 10.93
N ILE A 40 -19.76 -3.75 10.67
CA ILE A 40 -20.03 -3.31 9.33
C ILE A 40 -18.85 -2.43 8.82
N MET A 41 -18.29 -1.61 9.69
CA MET A 41 -17.14 -0.80 9.36
C MET A 41 -15.95 -1.69 8.96
N MET A 42 -15.71 -2.71 9.77
CA MET A 42 -14.56 -3.59 9.49
C MET A 42 -14.75 -4.24 8.11
N ASP A 43 -15.93 -4.81 7.85
CA ASP A 43 -16.16 -5.50 6.63
C ASP A 43 -16.03 -4.54 5.43
N THR A 44 -16.54 -3.36 5.59
CA THR A 44 -16.63 -2.44 4.47
C THR A 44 -15.26 -1.89 4.14
N THR A 45 -14.41 -1.71 5.17
CA THR A 45 -13.11 -1.11 4.96
C THR A 45 -12.00 -2.16 4.74
N CYS A 46 -12.18 -3.38 5.23
CA CYS A 46 -11.09 -4.39 5.15
C CYS A 46 -11.28 -5.46 4.06
N LEU A 47 -12.52 -5.66 3.63
CA LEU A 47 -12.85 -6.70 2.69
C LEU A 47 -13.13 -6.21 1.29
N GLY A 48 -12.87 -7.05 0.31
CA GLY A 48 -13.30 -6.75 -1.06
C GLY A 48 -12.21 -6.41 -2.02
N GLY A 49 -10.99 -6.21 -1.55
CA GLY A 49 -9.82 -6.13 -2.43
C GLY A 49 -9.31 -7.53 -2.80
N LYS A 50 -8.07 -7.62 -3.27
CA LYS A 50 -7.48 -8.91 -3.69
C LYS A 50 -6.68 -9.61 -2.57
N TYR A 51 -6.43 -8.89 -1.52
CA TYR A 51 -5.72 -9.41 -0.34
C TYR A 51 -4.29 -9.77 -0.70
N PHE A 52 -3.76 -9.05 -1.65
CA PHE A 52 -2.41 -9.29 -2.07
C PHE A 52 -1.43 -9.22 -0.91
N ARG A 53 -1.51 -8.14 -0.13
CA ARG A 53 -0.61 -7.97 0.95
C ARG A 53 -0.72 -9.08 2.00
N GLY A 54 -1.91 -9.31 2.53
CA GLY A 54 -2.10 -10.39 3.50
C GLY A 54 -1.71 -11.75 2.99
N MET A 55 -2.13 -12.07 1.76
CA MET A 55 -1.80 -13.33 1.16
C MET A 55 -0.31 -13.52 0.88
N THR A 56 0.46 -12.45 0.70
CA THR A 56 1.92 -12.60 0.59
C THR A 56 2.55 -13.21 1.86
N VAL A 57 2.06 -12.82 3.02
CA VAL A 57 2.53 -13.38 4.29
C VAL A 57 2.28 -14.88 4.33
N VAL A 58 1.09 -15.29 3.91
CA VAL A 58 0.72 -16.68 3.84
C VAL A 58 1.60 -17.40 2.81
N ASN A 59 1.77 -16.77 1.66
CA ASN A 59 2.62 -17.39 0.61
C ASN A 59 4.08 -17.67 1.03
N VAL A 60 4.72 -16.69 1.67
CA VAL A 60 6.06 -16.78 2.13
C VAL A 60 6.07 -17.95 3.12
N ALA A 61 5.12 -17.94 4.03
CA ALA A 61 5.14 -18.98 5.12
C ALA A 61 5.00 -20.41 4.51
N GLU A 62 4.11 -20.54 3.51
CA GLU A 62 3.88 -21.84 2.80
C GLU A 62 5.12 -22.29 2.13
N GLY A 63 5.90 -21.34 1.59
CA GLY A 63 7.16 -21.65 0.93
C GLY A 63 8.09 -22.33 1.90
N PHE A 64 8.22 -21.77 3.11
CA PHE A 64 9.10 -22.34 4.13
C PHE A 64 8.61 -23.67 4.64
N LEU A 65 7.30 -23.84 4.73
CA LEU A 65 6.74 -25.07 5.26
C LEU A 65 7.13 -26.22 4.34
N ALA A 66 7.27 -25.94 3.04
CA ALA A 66 7.50 -26.99 2.06
C ALA A 66 8.87 -27.53 2.18
N VAL A 67 9.77 -26.86 2.92
CA VAL A 67 11.16 -27.23 2.98
C VAL A 67 11.69 -27.35 4.41
N THR A 68 10.83 -27.27 5.41
CA THR A 68 11.22 -27.29 6.77
C THR A 68 10.47 -28.37 7.51
N GLN A 69 11.13 -29.11 8.38
CA GLN A 69 10.49 -30.19 9.12
C GLN A 69 9.76 -29.67 10.30
N HIS A 70 8.50 -30.11 10.44
CA HIS A 70 7.66 -29.65 11.54
C HIS A 70 6.59 -30.67 11.80
N ASP A 71 6.05 -30.65 13.03
CA ASP A 71 4.85 -31.45 13.40
C ASP A 71 3.71 -30.82 12.68
N GLU A 72 2.68 -31.61 12.42
CA GLU A 72 1.46 -31.03 11.77
C GLU A 72 0.85 -29.87 12.54
N ALA A 73 0.75 -29.97 13.87
CA ALA A 73 0.22 -28.88 14.68
C ALA A 73 1.05 -27.62 14.51
N THR A 74 2.35 -27.76 14.24
CA THR A 74 3.23 -26.62 14.09
C THR A 74 2.96 -25.96 12.74
N LYS A 75 2.79 -26.75 11.69
CA LYS A 75 2.41 -26.22 10.38
C LYS A 75 1.13 -25.42 10.52
N GLU A 76 0.17 -25.91 11.26
CA GLU A 76 -1.08 -25.19 11.39
C GLU A 76 -0.92 -23.95 12.17
N ARG A 77 -0.11 -23.97 13.23
CA ARG A 77 0.17 -22.81 13.98
C ARG A 77 0.84 -21.70 13.12
N ILE A 78 1.85 -22.09 12.33
CA ILE A 78 2.58 -21.16 11.50
C ILE A 78 1.59 -20.57 10.47
N LEU A 79 0.75 -21.42 9.87
CA LEU A 79 -0.22 -20.88 8.90
C LEU A 79 -1.23 -19.94 9.56
N HIS A 80 -1.70 -20.26 10.76
CA HIS A 80 -2.67 -19.39 11.49
C HIS A 80 -1.96 -18.04 11.76
N ASP A 81 -0.72 -18.14 12.22
CA ASP A 81 0.08 -16.94 12.47
C ASP A 81 0.23 -16.07 11.19
N ALA A 82 0.56 -16.68 10.06
CA ALA A 82 0.72 -15.96 8.83
C ALA A 82 -0.59 -15.26 8.40
N CYS A 83 -1.70 -15.93 8.68
CA CYS A 83 -3.03 -15.31 8.38
C CYS A 83 -3.33 -14.13 9.32
N VAL A 84 -3.08 -14.24 10.62
CA VAL A 84 -3.29 -13.17 11.48
C VAL A 84 -2.37 -12.01 11.09
N GLY A 85 -1.12 -12.31 10.88
CA GLY A 85 -0.16 -11.29 10.45
C GLY A 85 -0.56 -10.61 9.12
N GLY A 86 -1.04 -11.38 8.16
CA GLY A 86 -1.61 -10.87 6.89
C GLY A 86 -2.77 -9.89 7.21
N TRP A 87 -3.66 -10.27 8.08
CA TRP A 87 -4.76 -9.39 8.48
C TRP A 87 -4.30 -8.13 9.16
N MET A 88 -3.23 -8.18 9.92
CA MET A 88 -2.66 -6.97 10.47
C MET A 88 -2.28 -5.98 9.37
N ILE A 89 -1.75 -6.48 8.25
CA ILE A 89 -1.31 -5.61 7.20
C ILE A 89 -2.54 -5.07 6.46
N GLU A 90 -3.54 -5.93 6.27
CA GLU A 90 -4.77 -5.55 5.54
C GLU A 90 -5.51 -4.49 6.36
N PHE A 91 -5.51 -4.63 7.69
CA PHE A 91 -6.14 -3.65 8.56
C PHE A 91 -5.36 -2.34 8.58
N LEU A 92 -4.04 -2.46 8.50
CA LEU A 92 -3.19 -1.23 8.43
C LEU A 92 -3.47 -0.51 7.12
N GLN A 93 -3.62 -1.25 6.04
CA GLN A 93 -3.98 -0.59 4.77
C GLN A 93 -5.36 0.06 4.90
N ALA A 94 -6.32 -0.65 5.43
CA ALA A 94 -7.65 -0.09 5.63
C ALA A 94 -7.64 1.23 6.40
N HIS A 95 -6.87 1.30 7.49
CA HIS A 95 -6.61 2.55 8.26
C HIS A 95 -6.17 3.64 7.31
N TYR A 96 -5.13 3.38 6.54
CA TYR A 96 -4.62 4.40 5.67
C TYR A 96 -5.58 4.80 4.54
N LEU A 97 -6.35 3.87 4.00
CA LEU A 97 -7.30 4.19 2.93
C LEU A 97 -8.43 5.04 3.45
N VAL A 98 -9.00 4.68 4.60
CA VAL A 98 -10.01 5.48 5.26
C VAL A 98 -9.53 6.90 5.48
N GLU A 99 -8.35 7.06 6.08
CA GLU A 99 -7.89 8.39 6.43
C GLU A 99 -7.51 9.18 5.15
N ASP A 100 -6.85 8.50 4.22
CA ASP A 100 -6.42 9.14 2.97
C ASP A 100 -7.60 9.61 2.13
N ASP A 101 -8.68 8.84 2.10
CA ASP A 101 -9.85 9.18 1.38
C ASP A 101 -10.46 10.47 1.96
N ILE A 102 -10.45 10.60 3.28
CA ILE A 102 -10.91 11.79 3.98
C ILE A 102 -10.01 12.94 3.66
N MET A 103 -8.72 12.75 3.84
CA MET A 103 -7.72 13.77 3.55
C MET A 103 -7.82 14.36 2.12
N ASP A 104 -8.09 13.49 1.15
CA ASP A 104 -8.10 13.87 -0.25
C ASP A 104 -9.48 14.26 -0.75
N GLY A 105 -10.52 14.11 0.04
CA GLY A 105 -11.88 14.37 -0.40
C GLY A 105 -12.28 13.43 -1.50
N SER A 106 -11.81 12.18 -1.45
CA SER A 106 -12.08 11.21 -2.44
C SER A 106 -13.55 10.78 -2.46
N VAL A 107 -14.01 10.34 -3.64
CA VAL A 107 -15.43 10.01 -3.84
C VAL A 107 -15.73 8.51 -3.77
N MET A 108 -14.94 7.75 -4.51
CA MET A 108 -15.05 6.36 -4.55
C MET A 108 -13.74 5.67 -4.30
N ARG A 109 -13.86 4.38 -4.05
CA ARG A 109 -12.75 3.44 -3.78
C ARG A 109 -13.31 2.05 -4.13
N ARG A 110 -12.72 1.34 -5.09
CA ARG A 110 -13.18 -0.02 -5.52
C ARG A 110 -14.68 -0.05 -5.92
N GLY A 111 -15.14 0.98 -6.62
CA GLY A 111 -16.51 1.03 -7.12
C GLY A 111 -17.57 1.25 -6.04
N LYS A 112 -17.18 1.64 -4.83
CA LYS A 112 -18.16 1.97 -3.79
C LYS A 112 -17.80 3.33 -3.21
N PRO A 113 -18.76 4.00 -2.59
CA PRO A 113 -18.44 5.27 -1.92
C PRO A 113 -17.32 5.11 -0.88
N CYS A 114 -16.46 6.08 -0.78
CA CYS A 114 -15.56 6.10 0.42
C CYS A 114 -16.33 5.99 1.72
N TRP A 115 -15.74 5.27 2.71
CA TRP A 115 -16.36 5.08 3.97
C TRP A 115 -16.94 6.35 4.57
N TYR A 116 -16.18 7.44 4.62
CA TYR A 116 -16.63 8.63 5.26
C TYR A 116 -17.93 9.22 4.65
N ARG A 117 -18.12 8.87 3.40
CA ARG A 117 -19.33 9.29 2.66
C ARG A 117 -20.58 8.50 2.88
N PHE A 118 -20.48 7.39 3.57
CA PHE A 118 -21.70 6.64 3.91
C PHE A 118 -22.61 7.51 4.78
N PRO A 119 -23.91 7.47 4.53
CA PRO A 119 -24.77 8.50 5.22
C PRO A 119 -24.76 8.51 6.75
N GLY A 120 -24.59 7.31 7.32
CA GLY A 120 -24.61 7.16 8.80
C GLY A 120 -23.21 7.08 9.35
N VAL A 121 -22.20 7.49 8.57
CA VAL A 121 -20.80 7.52 9.07
C VAL A 121 -20.41 8.99 9.38
N THR A 122 -20.18 9.73 8.32
CA THR A 122 -19.69 11.10 8.33
C THR A 122 -18.21 11.13 8.73
N THR A 123 -17.58 12.27 8.43
CA THR A 123 -16.16 12.44 8.69
C THR A 123 -15.89 12.35 10.21
N GLN A 124 -16.81 12.86 11.00
CA GLN A 124 -16.60 12.93 12.43
C GLN A 124 -16.39 11.51 12.94
N CYS A 125 -17.15 10.56 12.47
CA CYS A 125 -16.92 9.20 12.93
C CYS A 125 -15.84 8.54 12.18
N ALA A 126 -15.82 8.72 10.83
CA ALA A 126 -14.85 8.00 9.99
C ALA A 126 -13.37 8.22 10.41
N ILE A 127 -12.98 9.43 10.81
CA ILE A 127 -11.61 9.64 11.28
C ILE A 127 -11.33 8.62 12.42
N ASN A 128 -12.23 8.57 13.40
CA ASN A 128 -12.05 7.71 14.52
C ASN A 128 -12.10 6.23 14.13
N ASP A 129 -13.03 5.87 13.26
CA ASP A 129 -13.05 4.55 12.69
C ASP A 129 -11.70 4.12 12.14
N GLY A 130 -11.04 5.02 11.41
CA GLY A 130 -9.72 4.70 10.85
C GLY A 130 -8.71 4.51 11.98
N ILE A 131 -8.83 5.29 13.05
CA ILE A 131 -7.95 5.11 14.24
C ILE A 131 -8.14 3.65 14.87
N ILE A 132 -9.39 3.29 15.04
CA ILE A 132 -9.77 1.99 15.53
C ILE A 132 -9.18 0.88 14.61
N LEU A 133 -9.26 1.01 13.29
CA LEU A 133 -8.72 0.01 12.35
C LEU A 133 -7.26 -0.29 12.70
N LYS A 134 -6.48 0.76 12.92
CA LYS A 134 -5.07 0.53 13.22
C LYS A 134 -4.90 -0.04 14.68
N SER A 135 -5.67 0.45 15.66
CA SER A 135 -5.59 -0.13 17.02
C SER A 135 -5.88 -1.63 16.98
N TRP A 136 -6.83 -2.08 16.16
CA TRP A 136 -7.11 -3.48 15.99
C TRP A 136 -5.90 -4.32 15.54
N THR A 137 -4.96 -3.72 14.77
CA THR A 137 -3.79 -4.44 14.41
C THR A 137 -3.00 -4.83 15.66
N GLN A 138 -2.89 -3.91 16.58
CA GLN A 138 -2.18 -4.18 17.81
C GLN A 138 -2.88 -5.15 18.73
N ILE A 139 -4.22 -5.05 18.80
CA ILE A 139 -5.00 -5.98 19.63
C ILE A 139 -4.80 -7.36 19.10
N MET A 140 -4.84 -7.54 17.78
CA MET A 140 -4.58 -8.86 17.20
C MET A 140 -3.21 -9.40 17.60
N ALA A 141 -2.18 -8.60 17.41
CA ALA A 141 -0.81 -9.05 17.67
C ALA A 141 -0.59 -9.50 19.14
N TRP A 142 -1.12 -8.70 20.06
CA TRP A 142 -0.92 -8.96 21.48
C TRP A 142 -1.68 -10.23 21.89
N HIS A 143 -2.82 -10.47 21.30
CA HIS A 143 -3.63 -11.62 21.67
C HIS A 143 -3.03 -12.84 21.01
N TYR A 144 -2.92 -12.86 19.68
CA TYR A 144 -2.59 -14.10 18.98
C TYR A 144 -1.11 -14.45 19.14
N PHE A 145 -0.27 -13.43 19.35
CA PHE A 145 1.20 -13.68 19.36
C PHE A 145 1.84 -13.50 20.73
N ALA A 146 1.04 -13.54 21.79
CA ALA A 146 1.53 -13.16 23.11
C ALA A 146 2.76 -13.94 23.57
N ASP A 147 2.80 -15.20 23.28
CA ASP A 147 3.98 -15.95 23.76
C ASP A 147 5.01 -16.21 22.66
N ARG A 148 4.82 -15.62 21.47
CA ARG A 148 5.65 -15.97 20.33
C ARG A 148 7.02 -15.37 20.40
N PRO A 149 8.02 -16.13 19.97
CA PRO A 149 9.35 -15.60 20.04
C PRO A 149 9.60 -14.41 19.12
N PHE A 150 8.82 -14.31 18.05
CA PHE A 150 8.94 -13.20 17.05
C PHE A 150 8.10 -11.97 17.44
N LEU A 151 7.44 -11.96 18.59
CA LEU A 151 6.53 -10.85 18.92
C LEU A 151 7.23 -9.52 18.93
N LYS A 152 8.37 -9.45 19.61
CA LYS A 152 9.12 -8.20 19.66
C LYS A 152 9.49 -7.69 18.26
N ASP A 153 10.18 -8.53 17.50
CA ASP A 153 10.67 -8.14 16.19
C ASP A 153 9.46 -7.76 15.30
N LEU A 154 8.38 -8.55 15.33
CA LEU A 154 7.13 -8.23 14.56
C LEU A 154 6.53 -6.84 14.95
N LEU A 155 6.36 -6.55 16.24
CA LEU A 155 5.87 -5.22 16.66
C LEU A 155 6.78 -4.11 16.25
N CYS A 156 8.09 -4.28 16.44
CA CYS A 156 9.06 -3.24 16.11
C CYS A 156 9.04 -2.93 14.55
N LEU A 157 9.05 -3.96 13.74
CA LEU A 157 8.93 -3.84 12.30
C LEU A 157 7.63 -3.14 11.88
N PHE A 158 6.52 -3.64 12.42
CA PHE A 158 5.22 -3.08 12.16
C PHE A 158 5.18 -1.59 12.42
N GLN A 159 5.74 -1.22 13.57
N GLN A 159 5.74 -1.14 13.56
CA GLN A 159 5.86 0.10 14.07
CA GLN A 159 5.77 0.26 13.93
C GLN A 159 6.62 1.01 13.09
C GLN A 159 6.58 1.02 12.92
N LYS A 160 7.77 0.53 12.64
CA LYS A 160 8.64 1.26 11.66
C LYS A 160 7.97 1.45 10.28
N VAL A 161 7.24 0.42 9.85
CA VAL A 161 6.57 0.50 8.57
C VAL A 161 5.41 1.49 8.63
N ASP A 162 4.68 1.39 9.71
CA ASP A 162 3.56 2.34 9.92
C ASP A 162 4.11 3.81 9.84
N TYR A 163 5.14 4.08 10.61
CA TYR A 163 5.77 5.38 10.64
C TYR A 163 6.27 5.81 9.23
N ALA A 164 6.93 4.92 8.52
CA ALA A 164 7.43 5.23 7.21
C ALA A 164 6.28 5.65 6.29
N THR A 165 5.19 4.90 6.41
CA THR A 165 3.94 5.16 5.67
C THR A 165 3.37 6.56 5.92
N ALA A 166 3.30 6.97 7.18
CA ALA A 166 2.78 8.26 7.53
C ALA A 166 3.73 9.33 7.01
N VAL A 167 5.07 9.09 7.16
CA VAL A 167 6.04 9.99 6.52
C VAL A 167 5.87 10.09 5.01
N GLY A 168 5.66 8.99 4.33
CA GLY A 168 5.33 9.01 2.93
C GLY A 168 4.08 9.76 2.55
N GLN A 169 3.04 9.67 3.37
CA GLN A 169 1.82 10.45 3.15
C GLN A 169 2.12 11.93 3.21
N MET A 170 2.96 12.35 4.15
CA MET A 170 3.38 13.74 4.24
C MET A 170 4.14 14.15 2.97
N TYR A 171 5.02 13.29 2.55
CA TYR A 171 5.77 13.56 1.28
C TYR A 171 4.82 13.71 0.11
N ASP A 172 3.78 12.88 0.04
CA ASP A 172 2.79 12.90 -1.00
C ASP A 172 1.94 14.18 -0.98
N VAL A 173 1.36 14.49 0.15
CA VAL A 173 0.38 15.57 0.14
C VAL A 173 1.07 16.91 -0.06
N THR A 174 2.36 16.98 0.25
CA THR A 174 3.17 18.18 0.09
C THR A 174 3.96 18.24 -1.25
N SER A 175 3.76 17.28 -2.13
CA SER A 175 4.58 17.10 -3.30
C SER A 175 4.40 18.22 -4.39
N MET A 176 3.29 18.92 -4.35
CA MET A 176 3.04 20.04 -5.25
C MET A 176 3.34 21.39 -4.68
N CYS A 177 3.93 21.45 -3.47
CA CYS A 177 4.44 22.68 -2.88
C CYS A 177 5.89 22.85 -3.12
N ASP A 178 6.36 24.11 -3.05
CA ASP A 178 7.79 24.36 -3.08
C ASP A 178 8.33 24.18 -1.66
N SER A 179 9.32 23.31 -1.50
CA SER A 179 9.81 22.97 -0.20
C SER A 179 10.18 24.15 0.63
N ASN A 180 10.79 25.14 0.00
CA ASN A 180 11.30 26.27 0.70
C ASN A 180 10.17 27.16 1.17
N LYS A 181 8.96 26.99 0.64
CA LYS A 181 7.74 27.74 1.07
C LYS A 181 6.89 27.08 2.16
N LEU A 182 7.19 25.83 2.55
CA LEU A 182 6.43 25.16 3.59
C LEU A 182 6.50 25.96 4.84
N ASP A 183 5.34 26.23 5.41
CA ASP A 183 5.23 26.99 6.59
C ASP A 183 3.80 26.83 7.13
N PRO A 184 3.64 26.26 8.31
CA PRO A 184 2.26 26.19 8.86
C PRO A 184 1.48 27.50 8.95
N GLU A 185 2.19 28.63 9.11
CA GLU A 185 1.54 29.92 9.11
C GLU A 185 1.03 30.40 7.76
N VAL A 186 1.41 29.82 6.62
CA VAL A 186 1.10 30.48 5.31
C VAL A 186 0.48 29.51 4.39
N ALA A 187 -0.68 29.82 3.83
CA ALA A 187 -1.35 28.92 2.93
C ALA A 187 -0.45 28.62 1.74
N GLN A 188 -0.41 27.35 1.37
CA GLN A 188 0.60 26.85 0.46
C GLN A 188 0.21 27.00 -0.99
N PRO A 189 0.97 27.81 -1.75
CA PRO A 189 0.74 27.91 -3.18
C PRO A 189 1.19 26.64 -3.86
N MET A 190 0.46 26.18 -4.82
CA MET A 190 1.04 25.22 -5.79
C MET A 190 2.38 25.72 -6.42
N THR A 191 3.34 24.81 -6.64
CA THR A 191 4.59 25.13 -7.36
C THR A 191 4.24 25.68 -8.73
N THR A 192 5.02 26.72 -9.12
CA THR A 192 4.96 27.27 -10.52
C THR A 192 6.05 26.70 -11.40
N ASP A 193 7.23 26.44 -10.84
CA ASP A 193 8.37 25.89 -11.62
C ASP A 193 8.38 24.34 -11.83
N PHE A 194 7.73 23.58 -10.93
CA PHE A 194 7.79 22.12 -10.98
C PHE A 194 9.23 21.57 -10.85
N ALA A 195 10.12 22.31 -10.20
CA ALA A 195 11.53 21.91 -10.09
C ALA A 195 11.67 20.70 -9.21
N GLU A 196 10.70 20.50 -8.32
CA GLU A 196 10.72 19.33 -7.52
C GLU A 196 9.99 18.11 -8.10
N PHE A 197 9.56 18.15 -9.37
CA PHE A 197 9.00 16.99 -10.01
C PHE A 197 10.20 16.26 -10.68
N THR A 198 11.03 15.59 -9.88
CA THR A 198 12.22 14.84 -10.39
C THR A 198 12.04 13.35 -10.10
N PRO A 199 12.77 12.48 -10.83
CA PRO A 199 12.76 11.05 -10.48
C PRO A 199 13.15 10.78 -9.01
N ALA A 200 14.17 11.42 -8.53
CA ALA A 200 14.60 11.13 -7.18
C ALA A 200 13.58 11.55 -6.13
N ILE A 201 12.91 12.68 -6.35
CA ILE A 201 11.88 13.15 -5.40
C ILE A 201 10.65 12.25 -5.46
N TYR A 202 10.24 11.93 -6.68
CA TYR A 202 9.22 10.93 -6.88
C TYR A 202 9.52 9.62 -6.15
N LYS A 203 10.70 9.09 -6.33
CA LYS A 203 11.05 7.82 -5.75
C LYS A 203 10.89 7.89 -4.23
N ARG A 204 11.30 8.96 -3.62
CA ARG A 204 11.18 9.10 -2.15
C ARG A 204 9.71 9.04 -1.69
N ILE A 205 8.80 9.76 -2.38
CA ILE A 205 7.40 9.72 -2.09
C ILE A 205 6.90 8.29 -2.06
N VAL A 206 7.10 7.60 -3.18
CA VAL A 206 6.60 6.25 -3.37
C VAL A 206 7.26 5.24 -2.41
N LYS A 207 8.57 5.40 -2.19
CA LYS A 207 9.28 4.45 -1.34
C LYS A 207 8.59 4.42 0.03
N TYR A 208 8.40 5.61 0.63
CA TYR A 208 7.78 5.67 1.96
C TYR A 208 6.26 5.46 1.95
N LYS A 209 5.54 6.01 0.99
CA LYS A 209 4.12 6.00 1.09
C LYS A 209 3.47 4.65 0.79
N THR A 210 4.15 3.82 0.01
CA THR A 210 3.59 2.59 -0.44
C THR A 210 4.49 1.39 -0.21
N THR A 211 5.78 1.45 -0.53
CA THR A 211 6.53 0.18 -0.68
C THR A 211 6.78 -0.52 0.66
N PHE A 212 6.91 0.23 1.74
CA PHE A 212 7.21 -0.37 3.04
C PHE A 212 5.99 -1.25 3.41
N TYR A 213 4.74 -0.77 3.33
CA TYR A 213 3.58 -1.56 3.81
C TYR A 213 3.06 -2.55 2.77
N THR A 214 3.27 -2.26 1.48
CA THR A 214 2.78 -3.10 0.43
C THR A 214 3.71 -4.27 0.08
N TYR A 215 5.01 -4.05 0.11
CA TYR A 215 5.94 -5.16 -0.23
C TYR A 215 6.91 -5.52 0.87
N LEU A 216 7.48 -4.56 1.57
CA LEU A 216 8.45 -4.97 2.58
C LEU A 216 7.80 -5.70 3.73
N LEU A 217 6.73 -5.12 4.27
CA LEU A 217 6.10 -5.68 5.47
C LEU A 217 5.56 -7.09 5.21
N PRO A 218 4.81 -7.33 4.12
CA PRO A 218 4.35 -8.71 3.91
C PRO A 218 5.47 -9.72 3.80
N LEU A 219 6.55 -9.34 3.11
CA LEU A 219 7.68 -10.27 2.94
C LEU A 219 8.32 -10.58 4.26
N VAL A 220 8.63 -9.54 5.00
CA VAL A 220 9.34 -9.73 6.29
C VAL A 220 8.46 -10.30 7.37
N MET A 221 7.19 -9.97 7.38
CA MET A 221 6.26 -10.66 8.31
C MET A 221 6.21 -12.15 8.01
N GLY A 222 6.27 -12.55 6.73
CA GLY A 222 6.26 -14.00 6.43
C GLY A 222 7.52 -14.67 6.93
N LEU A 223 8.63 -13.97 6.80
CA LEU A 223 9.87 -14.49 7.44
C LEU A 223 9.79 -14.60 8.96
N LEU A 224 9.29 -13.55 9.60
CA LEU A 224 9.16 -13.56 11.05
C LEU A 224 8.25 -14.69 11.55
N VAL A 225 7.09 -14.93 10.95
CA VAL A 225 6.20 -15.93 11.55
C VAL A 225 6.77 -17.35 11.24
N SER A 226 7.67 -17.42 10.29
CA SER A 226 8.40 -18.63 9.92
C SER A 226 9.71 -18.85 10.66
N GLU A 227 10.13 -17.89 11.47
CA GLU A 227 11.40 -17.95 12.21
C GLU A 227 12.49 -18.18 11.21
N ALA A 228 12.42 -17.44 10.11
CA ALA A 228 13.33 -17.66 8.99
C ALA A 228 14.11 -16.38 8.63
N ALA A 229 14.07 -15.32 9.44
CA ALA A 229 14.72 -14.07 8.99
C ALA A 229 16.24 -14.28 8.81
N ALA A 230 16.86 -15.22 9.52
CA ALA A 230 18.33 -15.57 9.26
C ALA A 230 18.67 -16.31 7.97
N SER A 231 17.69 -16.78 7.20
CA SER A 231 17.85 -17.30 5.84
C SER A 231 17.90 -16.26 4.71
N VAL A 232 17.88 -14.99 5.07
CA VAL A 232 17.91 -13.99 4.02
C VAL A 232 18.86 -12.94 4.41
N GLU A 233 19.37 -12.30 3.39
CA GLU A 233 20.09 -11.06 3.55
C GLU A 233 19.03 -9.92 3.56
N MET A 234 18.88 -9.28 4.69
CA MET A 234 17.81 -8.31 4.83
C MET A 234 17.99 -7.10 3.87
N ASN A 235 19.23 -6.68 3.58
CA ASN A 235 19.40 -5.58 2.67
C ASN A 235 18.86 -5.91 1.28
N LEU A 236 18.96 -7.17 0.86
CA LEU A 236 18.41 -7.60 -0.45
C LEU A 236 16.93 -7.59 -0.42
N VAL A 237 16.34 -7.98 0.71
CA VAL A 237 14.87 -7.95 0.82
C VAL A 237 14.37 -6.50 0.70
N GLU A 238 15.07 -5.58 1.39
CA GLU A 238 14.67 -4.19 1.30
C GLU A 238 14.77 -3.65 -0.11
N ARG A 239 15.90 -3.92 -0.75
CA ARG A 239 16.13 -3.44 -2.13
C ARG A 239 15.09 -3.94 -3.09
N VAL A 240 14.74 -5.24 -3.00
CA VAL A 240 13.79 -5.79 -3.98
C VAL A 240 12.40 -5.28 -3.69
N ALA A 241 12.04 -5.16 -2.42
CA ALA A 241 10.77 -4.60 -2.03
C ALA A 241 10.59 -3.14 -2.55
N HIS A 242 11.63 -2.30 -2.39
CA HIS A 242 11.54 -0.89 -2.79
C HIS A 242 11.43 -0.82 -4.33
N LEU A 243 12.15 -1.70 -5.03
CA LEU A 243 12.03 -1.74 -6.46
C LEU A 243 10.69 -2.19 -7.01
N ILE A 244 10.20 -3.34 -6.56
CA ILE A 244 8.90 -3.75 -7.03
C ILE A 244 7.77 -2.77 -6.64
N GLY A 245 7.86 -2.27 -5.43
CA GLY A 245 6.88 -1.30 -4.95
C GLY A 245 6.85 0.00 -5.77
N GLU A 246 8.01 0.50 -6.19
CA GLU A 246 8.10 1.67 -7.06
C GLU A 246 7.37 1.39 -8.35
N TYR A 247 7.70 0.25 -8.92
CA TYR A 247 7.04 -0.22 -10.15
C TYR A 247 5.53 -0.33 -10.09
N PHE A 248 5.07 -0.85 -8.94
CA PHE A 248 3.64 -0.96 -8.66
C PHE A 248 2.99 0.45 -8.69
N GLN A 249 3.67 1.41 -8.07
CA GLN A 249 3.10 2.76 -8.04
C GLN A 249 3.10 3.44 -9.42
N VAL A 250 4.08 3.13 -10.27
CA VAL A 250 4.18 3.81 -11.54
C VAL A 250 2.98 3.34 -12.32
N GLN A 251 2.72 2.05 -12.26
CA GLN A 251 1.52 1.46 -12.84
C GLN A 251 0.24 2.10 -12.35
N ASP A 252 0.12 2.30 -11.02
CA ASP A 252 -1.02 2.97 -10.44
C ASP A 252 -1.16 4.40 -10.97
N ASP A 253 -0.04 5.12 -11.06
CA ASP A 253 -0.05 6.47 -11.62
C ASP A 253 -0.50 6.44 -13.09
N VAL A 254 -0.03 5.49 -13.89
CA VAL A 254 -0.46 5.48 -15.29
C VAL A 254 -1.94 5.27 -15.41
N MET A 255 -2.43 4.34 -14.62
CA MET A 255 -3.86 3.95 -14.66
C MET A 255 -4.75 5.13 -14.22
N ASP A 256 -4.29 5.91 -13.24
CA ASP A 256 -5.10 7.06 -12.75
C ASP A 256 -5.54 7.96 -13.91
N CYS A 257 -4.62 8.14 -14.84
CA CYS A 257 -4.84 9.00 -16.01
C CYS A 257 -5.58 8.24 -17.11
N PHE A 258 -5.19 7.00 -17.38
CA PHE A 258 -5.62 6.37 -18.68
C PHE A 258 -6.65 5.22 -18.59
N THR A 259 -6.86 4.61 -17.43
CA THR A 259 -7.86 3.53 -17.24
C THR A 259 -9.27 4.12 -17.06
N PRO A 260 -10.25 3.62 -17.87
CA PRO A 260 -11.63 4.06 -17.72
C PRO A 260 -12.09 4.01 -16.27
N PRO A 261 -12.81 5.05 -15.86
CA PRO A 261 -13.26 5.08 -14.47
C PRO A 261 -13.93 3.76 -13.90
N GLU A 262 -14.82 3.15 -14.68
CA GLU A 262 -15.52 1.92 -14.31
C GLU A 262 -14.56 0.75 -14.04
N GLN A 263 -13.46 0.73 -14.78
CA GLN A 263 -12.42 -0.28 -14.66
C GLN A 263 -11.54 -0.01 -13.43
N LEU A 264 -11.13 1.25 -13.29
CA LEU A 264 -10.32 1.74 -12.16
C LEU A 264 -11.02 1.67 -10.73
N GLY A 265 -12.35 1.74 -10.68
CA GLY A 265 -13.10 1.76 -9.42
C GLY A 265 -13.33 3.19 -8.90
N LYS A 266 -12.85 4.17 -9.67
CA LYS A 266 -12.95 5.58 -9.31
C LYS A 266 -12.63 6.46 -10.52
N VAL A 267 -12.90 7.75 -10.36
CA VAL A 267 -12.60 8.82 -11.39
C VAL A 267 -11.22 9.34 -10.87
N GLY A 268 -10.12 9.09 -11.63
CA GLY A 268 -8.79 9.54 -11.20
C GLY A 268 -8.65 11.07 -11.26
N THR A 269 -8.08 11.68 -10.22
CA THR A 269 -7.94 13.15 -10.16
C THR A 269 -6.44 13.61 -9.92
N ASP A 270 -5.44 12.75 -10.25
CA ASP A 270 -4.02 13.15 -10.04
C ASP A 270 -3.65 14.48 -10.72
N ILE A 271 -4.13 14.67 -11.94
CA ILE A 271 -3.89 15.92 -12.66
C ILE A 271 -4.47 17.14 -11.97
N GLU A 272 -5.74 17.05 -11.59
CA GLU A 272 -6.42 18.15 -10.89
C GLU A 272 -5.80 18.45 -9.52
N ASP A 273 -5.38 17.37 -8.86
CA ASP A 273 -4.71 17.45 -7.53
C ASP A 273 -3.25 17.84 -7.60
N ALA A 274 -2.75 18.02 -8.84
CA ALA A 274 -1.37 18.34 -9.12
C ALA A 274 -0.33 17.37 -8.54
N LYS A 275 -0.67 16.07 -8.57
CA LYS A 275 0.22 15.10 -7.90
C LYS A 275 1.55 15.01 -8.64
N CYS A 276 2.59 14.70 -7.88
CA CYS A 276 3.87 14.35 -8.43
C CYS A 276 3.72 12.91 -8.87
N SER A 277 3.16 12.71 -10.05
CA SER A 277 2.99 11.40 -10.63
C SER A 277 4.16 11.04 -11.54
N TRP A 278 4.20 9.76 -11.88
CA TRP A 278 5.21 9.29 -12.73
C TRP A 278 5.00 9.91 -14.12
N LEU A 279 3.75 10.04 -14.58
CA LEU A 279 3.48 10.68 -15.88
C LEU A 279 4.01 12.10 -15.88
N ALA A 280 3.77 12.89 -14.82
CA ALA A 280 4.21 14.29 -14.84
C ALA A 280 5.75 14.45 -14.82
N VAL A 281 6.42 13.64 -14.01
CA VAL A 281 7.85 13.67 -13.89
C VAL A 281 8.45 13.21 -15.26
N THR A 282 7.91 12.16 -15.85
CA THR A 282 8.52 11.64 -17.06
C THR A 282 8.20 12.62 -18.23
N PHE A 283 7.03 13.26 -18.20
CA PHE A 283 6.71 14.27 -19.22
C PHE A 283 7.69 15.47 -19.14
N LEU A 284 7.98 15.92 -17.90
CA LEU A 284 8.82 17.02 -17.72
C LEU A 284 10.31 16.69 -18.05
N GLY A 285 10.65 15.43 -17.96
CA GLY A 285 11.89 14.91 -18.36
C GLY A 285 12.14 14.81 -19.88
N LYS A 286 11.12 14.93 -20.71
CA LYS A 286 11.35 14.83 -22.16
C LYS A 286 10.75 15.99 -22.96
N ALA A 287 9.92 16.82 -22.33
CA ALA A 287 9.25 17.92 -22.99
C ALA A 287 10.16 19.02 -23.46
N ASN A 288 9.75 19.69 -24.53
CA ASN A 288 10.40 20.89 -25.00
C ASN A 288 9.81 22.13 -24.26
N ALA A 289 10.39 23.31 -24.47
CA ALA A 289 10.04 24.52 -23.74
C ALA A 289 8.51 24.82 -23.92
N ALA A 290 8.00 24.68 -25.15
CA ALA A 290 6.59 25.03 -25.38
C ALA A 290 5.63 24.09 -24.66
N GLN A 291 5.94 22.79 -24.69
CA GLN A 291 5.20 21.74 -23.94
C GLN A 291 5.21 21.95 -22.41
N VAL A 292 6.37 22.33 -21.86
CA VAL A 292 6.46 22.58 -20.44
C VAL A 292 5.55 23.75 -20.11
N ALA A 293 5.58 24.81 -20.92
CA ALA A 293 4.73 25.97 -20.70
C ALA A 293 3.22 25.67 -20.73
N GLU A 294 2.83 24.80 -21.67
CA GLU A 294 1.46 24.39 -21.81
C GLU A 294 1.09 23.51 -20.58
N PHE A 295 2.01 22.64 -20.14
CA PHE A 295 1.80 21.86 -18.89
C PHE A 295 1.55 22.78 -17.70
N LYS A 296 2.38 23.80 -17.53
CA LYS A 296 2.27 24.67 -16.36
C LYS A 296 0.97 25.42 -16.41
N ALA A 297 0.51 25.78 -17.61
CA ALA A 297 -0.78 26.50 -17.68
C ALA A 297 -2.00 25.69 -17.41
N ASN A 298 -1.92 24.36 -17.46
CA ASN A 298 -3.12 23.54 -17.35
C ASN A 298 -3.15 22.58 -16.15
N TYR A 299 -1.99 22.28 -15.58
CA TYR A 299 -1.91 21.24 -14.55
C TYR A 299 -2.42 21.78 -13.21
N GLY A 300 -3.00 20.85 -12.44
CA GLY A 300 -3.41 21.15 -11.11
C GLY A 300 -4.70 21.98 -11.00
N GLU A 301 -5.61 21.84 -11.96
CA GLU A 301 -6.83 22.67 -12.12
C GLU A 301 -7.99 21.74 -12.36
N LYS A 302 -9.10 21.97 -11.66
CA LYS A 302 -10.26 21.08 -11.73
C LYS A 302 -10.94 21.15 -13.14
N ASP A 303 -10.92 22.32 -13.76
CA ASP A 303 -11.46 22.58 -15.12
C ASP A 303 -11.21 21.46 -16.16
N PRO A 304 -12.27 20.76 -16.59
CA PRO A 304 -12.01 19.64 -17.52
C PRO A 304 -11.30 19.95 -18.79
N ALA A 305 -11.49 21.15 -19.36
CA ALA A 305 -10.74 21.52 -20.58
C ALA A 305 -9.20 21.42 -20.32
N LYS A 306 -8.75 21.94 -19.19
CA LYS A 306 -7.33 21.97 -18.79
C LYS A 306 -6.78 20.57 -18.50
N VAL A 307 -7.59 19.74 -17.86
CA VAL A 307 -7.22 18.35 -17.61
C VAL A 307 -7.04 17.60 -18.95
N ALA A 308 -7.93 17.84 -19.89
CA ALA A 308 -7.84 17.20 -21.21
C ALA A 308 -6.60 17.69 -21.96
N VAL A 309 -6.23 18.97 -21.80
CA VAL A 309 -4.98 19.50 -22.37
C VAL A 309 -3.79 18.68 -21.79
N VAL A 310 -3.82 18.46 -20.46
CA VAL A 310 -2.70 17.69 -19.82
C VAL A 310 -2.68 16.26 -20.36
N LYS A 311 -3.85 15.60 -20.45
CA LYS A 311 -3.92 14.22 -21.01
C LYS A 311 -3.41 14.12 -22.43
N ARG A 312 -3.86 15.06 -23.26
CA ARG A 312 -3.34 15.21 -24.62
C ARG A 312 -1.81 15.38 -24.62
N LEU A 313 -1.27 16.26 -23.76
CA LEU A 313 0.21 16.44 -23.72
C LEU A 313 0.92 15.11 -23.37
N TYR A 314 0.33 14.33 -22.48
CA TYR A 314 0.94 13.03 -22.17
C TYR A 314 0.87 12.03 -23.33
N SER A 315 -0.27 12.03 -24.04
CA SER A 315 -0.45 11.16 -25.22
C SER A 315 0.56 11.54 -26.29
N LYS A 316 0.58 12.81 -26.71
CA LYS A 316 1.54 13.24 -27.76
C LYS A 316 3.01 12.98 -27.34
N ALA A 317 3.30 12.91 -26.04
CA ALA A 317 4.67 12.78 -25.57
C ALA A 317 5.16 11.33 -25.59
N ASN A 318 4.27 10.40 -25.94
CA ASN A 318 4.60 8.98 -26.15
C ASN A 318 5.29 8.40 -24.86
N LEU A 319 4.70 8.68 -23.73
CA LEU A 319 5.20 8.19 -22.45
C LEU A 319 5.13 6.64 -22.36
N GLN A 320 4.27 5.97 -23.13
CA GLN A 320 4.29 4.48 -23.27
C GLN A 320 5.70 3.97 -23.49
N ALA A 321 6.48 4.68 -24.28
CA ALA A 321 7.87 4.27 -24.59
C ALA A 321 8.82 4.45 -23.41
N ASP A 322 8.65 5.54 -22.67
CA ASP A 322 9.45 5.67 -21.44
C ASP A 322 9.02 4.55 -20.49
N PHE A 323 7.73 4.21 -20.45
CA PHE A 323 7.27 3.15 -19.53
C PHE A 323 7.83 1.77 -19.91
N ALA A 324 7.83 1.45 -21.18
CA ALA A 324 8.46 0.19 -21.65
C ALA A 324 9.91 0.10 -21.23
N ALA A 325 10.61 1.23 -21.34
CA ALA A 325 12.02 1.28 -21.03
C ALA A 325 12.23 1.08 -19.52
N TYR A 326 11.42 1.77 -18.71
CA TYR A 326 11.47 1.63 -17.26
C TYR A 326 11.16 0.17 -16.90
N GLU A 327 10.12 -0.34 -17.47
CA GLU A 327 9.71 -1.73 -17.28
C GLU A 327 10.85 -2.69 -17.53
N ALA A 328 11.52 -2.52 -18.68
CA ALA A 328 12.65 -3.40 -19.01
C ALA A 328 13.79 -3.35 -18.02
N GLU A 329 14.07 -2.16 -17.49
CA GLU A 329 15.09 -1.97 -16.50
C GLU A 329 14.69 -2.61 -15.16
N VAL A 330 13.43 -2.47 -14.78
CA VAL A 330 12.87 -3.12 -13.53
C VAL A 330 12.99 -4.65 -13.66
N VAL A 331 12.68 -5.18 -14.84
CA VAL A 331 12.85 -6.65 -15.11
C VAL A 331 14.27 -7.07 -14.88
N ARG A 332 15.23 -6.29 -15.37
CA ARG A 332 16.68 -6.63 -15.14
C ARG A 332 17.02 -6.63 -13.68
N GLU A 333 16.65 -5.57 -12.99
CA GLU A 333 17.06 -5.42 -11.63
C GLU A 333 16.34 -6.42 -10.73
N VAL A 334 15.06 -6.65 -11.00
CA VAL A 334 14.29 -7.59 -10.10
C VAL A 334 14.85 -8.98 -10.26
N GLU A 335 15.09 -9.37 -11.50
CA GLU A 335 15.79 -10.65 -11.77
C GLU A 335 17.16 -10.76 -11.11
N SER A 336 17.94 -9.68 -11.17
CA SER A 336 19.24 -9.64 -10.49
C SER A 336 19.07 -9.89 -8.98
N LEU A 337 18.09 -9.20 -8.36
CA LEU A 337 17.93 -9.35 -6.90
C LEU A 337 17.45 -10.77 -6.52
N ILE A 338 16.53 -11.29 -7.30
CA ILE A 338 16.02 -12.65 -7.12
C ILE A 338 17.20 -13.62 -7.16
N GLU A 339 18.04 -13.46 -8.17
CA GLU A 339 19.22 -14.29 -8.23
C GLU A 339 20.10 -14.19 -7.01
N GLN A 340 20.38 -12.97 -6.56
CA GLN A 340 21.12 -12.77 -5.36
C GLN A 340 20.46 -13.48 -4.08
N LEU A 341 19.15 -13.44 -4.01
CA LEU A 341 18.37 -14.00 -2.87
C LEU A 341 18.51 -15.55 -2.84
N LYS A 342 18.58 -16.18 -4.03
CA LYS A 342 18.87 -17.65 -4.16
C LYS A 342 20.13 -18.13 -3.42
N VAL A 343 21.11 -17.27 -3.23
CA VAL A 343 22.36 -17.66 -2.55
C VAL A 343 22.06 -18.22 -1.16
N LYS A 344 21.35 -17.42 -0.36
CA LYS A 344 20.92 -17.86 0.98
C LYS A 344 19.57 -18.59 1.02
N SER A 345 18.57 -18.27 0.18
CA SER A 345 17.27 -19.01 0.20
C SER A 345 16.55 -19.07 -1.12
N PRO A 346 16.74 -20.18 -1.82
CA PRO A 346 15.93 -20.47 -2.97
C PRO A 346 14.46 -20.29 -2.75
N THR A 347 13.95 -20.80 -1.66
CA THR A 347 12.52 -20.74 -1.34
C THR A 347 12.02 -19.28 -1.29
N PHE A 348 12.73 -18.46 -0.56
CA PHE A 348 12.29 -17.08 -0.38
C PHE A 348 12.44 -16.40 -1.73
N ALA A 349 13.56 -16.67 -2.44
CA ALA A 349 13.69 -16.12 -3.82
C ALA A 349 12.51 -16.41 -4.68
N GLU A 350 12.01 -17.65 -4.62
CA GLU A 350 10.84 -18.02 -5.35
C GLU A 350 9.55 -17.28 -4.89
N SER A 351 9.40 -17.04 -3.59
CA SER A 351 8.23 -16.18 -3.12
C SER A 351 8.30 -14.78 -3.71
N VAL A 352 9.52 -14.22 -3.76
CA VAL A 352 9.72 -12.91 -4.36
C VAL A 352 9.38 -12.98 -5.85
N ALA A 353 9.82 -14.02 -6.54
CA ALA A 353 9.37 -14.22 -7.95
C ALA A 353 7.87 -14.18 -8.13
N VAL A 354 7.13 -14.85 -7.23
CA VAL A 354 5.72 -14.89 -7.30
C VAL A 354 5.14 -13.48 -7.10
N VAL A 355 5.68 -12.78 -6.11
CA VAL A 355 5.34 -11.38 -5.87
C VAL A 355 5.56 -10.53 -7.13
N TRP A 356 6.72 -10.73 -7.74
CA TRP A 356 7.00 -10.01 -8.99
C TRP A 356 6.03 -10.36 -10.10
N GLU A 357 5.77 -11.64 -10.37
CA GLU A 357 4.80 -12.01 -11.46
C GLU A 357 3.44 -11.41 -11.24
N LYS A 358 2.97 -11.41 -10.00
CA LYS A 358 1.67 -10.85 -9.70
C LYS A 358 1.63 -9.33 -9.88
N THR A 359 2.74 -8.67 -9.73
CA THR A 359 2.81 -7.23 -9.95
C THR A 359 2.99 -6.90 -11.46
N HIS A 360 3.87 -7.64 -12.10
CA HIS A 360 4.56 -7.26 -13.40
C HIS A 360 3.59 -7.05 -14.53
N LYS A 361 2.72 -8.02 -14.67
CA LYS A 361 1.82 -8.13 -15.80
C LYS A 361 0.31 -7.87 -15.44
N ARG A 362 -0.01 -7.24 -14.28
CA ARG A 362 -1.41 -7.27 -13.68
C ARG A 362 -2.58 -6.57 -14.44
#